data_6TRK
#
_entry.id   6TRK
#
_cell.length_a   47.825
_cell.length_b   73.515
_cell.length_c   76.124
_cell.angle_alpha   90.000
_cell.angle_beta   90.000
_cell.angle_gamma   90.000
#
_symmetry.space_group_name_H-M   'P 2 21 21'
#
loop_
_entity.id
_entity.type
_entity.pdbx_description
1 polymer 'Pollen allergen Phl p 6'
2 non-polymer 'ZINC ION'
3 water water
#
_entity_poly.entity_id   1
_entity_poly.type   'polypeptide(L)'
_entity_poly.pdbx_seq_one_letter_code
;GKATTEEQKLIEDVNASFRAAMATTANVPPADKYKTFEAAFTVSYKRNLADAVSKAPQLVPKLDEVYNAAYNAADHAAPE
DKYEAFVLHFSEALRIIAGTPEVHAVKPGA
;
_entity_poly.pdbx_strand_id   A,B
#
loop_
_chem_comp.id
_chem_comp.type
_chem_comp.name
_chem_comp.formula
ZN non-polymer 'ZINC ION' 'Zn 2'
#
# COMPACT_ATOMS: atom_id res chain seq x y z
N GLY A 1 12.90 19.73 2.06
CA GLY A 1 13.50 20.76 1.23
C GLY A 1 12.82 20.84 -0.12
N LYS A 2 13.57 21.25 -1.15
CA LYS A 2 12.96 21.43 -2.47
C LYS A 2 12.48 20.11 -3.06
N ALA A 3 13.22 19.02 -2.81
CA ALA A 3 12.84 17.74 -3.41
C ALA A 3 11.50 17.24 -2.87
N THR A 4 11.35 17.21 -1.54
CA THR A 4 10.09 16.76 -0.96
C THR A 4 8.92 17.66 -1.35
N THR A 5 9.15 18.98 -1.50
CA THR A 5 8.09 19.86 -1.94
C THR A 5 7.67 19.51 -3.37
N GLU A 6 8.64 19.19 -4.23
CA GLU A 6 8.28 18.83 -5.60
C GLU A 6 7.58 17.48 -5.65
N GLU A 7 8.05 16.49 -4.86
CA GLU A 7 7.38 15.21 -4.78
C GLU A 7 5.92 15.37 -4.34
N GLN A 8 5.68 16.20 -3.33
CA GLN A 8 4.30 16.37 -2.86
C GLN A 8 3.40 16.97 -3.93
N LYS A 9 3.90 17.97 -4.68
CA LYS A 9 3.13 18.53 -5.78
C LYS A 9 2.79 17.47 -6.82
N LEU A 10 3.76 16.63 -7.18
CA LEU A 10 3.49 15.59 -8.17
C LEU A 10 2.47 14.58 -7.64
N ILE A 11 2.60 14.19 -6.37
CA ILE A 11 1.61 13.26 -5.79
C ILE A 11 0.22 13.88 -5.84
N GLU A 12 0.12 15.17 -5.55
CA GLU A 12 -1.17 15.84 -5.63
C GLU A 12 -1.71 15.86 -7.07
N ASP A 13 -0.86 16.14 -8.05
CA ASP A 13 -1.31 16.14 -9.45
C ASP A 13 -1.75 14.75 -9.89
N VAL A 14 -1.02 13.72 -9.49
CA VAL A 14 -1.44 12.35 -9.81
C VAL A 14 -2.81 12.04 -9.24
N ASN A 15 -3.06 12.47 -8.00
CA ASN A 15 -4.35 12.20 -7.37
C ASN A 15 -5.48 12.96 -8.05
N ALA A 16 -5.26 14.20 -8.43
CA ALA A 16 -6.29 14.99 -9.09
C ALA A 16 -6.65 14.39 -10.45
N SER A 17 -5.64 13.95 -11.22
CA SER A 17 -5.94 13.31 -12.51
C SER A 17 -6.67 11.99 -12.32
N PHE A 18 -6.26 11.21 -11.29
CA PHE A 18 -6.97 9.97 -10.95
C PHE A 18 -8.44 10.25 -10.62
N ARG A 19 -8.72 11.29 -9.84
CA ARG A 19 -10.12 11.61 -9.55
C ARG A 19 -10.88 12.01 -10.81
N ALA A 20 -10.23 12.75 -11.71
CA ALA A 20 -10.87 13.09 -12.99
C ALA A 20 -11.15 11.85 -13.82
N ALA A 21 -10.24 10.87 -13.82
CA ALA A 21 -10.54 9.64 -14.53
C ALA A 21 -11.73 8.90 -13.94
N MET A 22 -11.83 8.87 -12.61
N MET A 22 -11.84 8.88 -12.61
CA MET A 22 -13.00 8.25 -11.99
CA MET A 22 -13.00 8.25 -11.98
C MET A 22 -14.29 8.94 -12.43
C MET A 22 -14.29 8.95 -12.39
N ALA A 23 -14.24 10.26 -12.57
CA ALA A 23 -15.45 11.00 -12.94
C ALA A 23 -15.99 10.58 -14.30
N THR A 24 -15.13 10.06 -15.19
CA THR A 24 -15.61 9.67 -16.51
C THR A 24 -16.50 8.44 -16.48
N THR A 25 -16.58 7.71 -15.37
CA THR A 25 -17.45 6.55 -15.25
C THR A 25 -18.86 6.90 -14.75
N ALA A 26 -19.22 8.17 -14.55
N ALA A 26 -19.08 8.18 -14.42
CA ALA A 26 -20.45 8.49 -13.80
CA ALA A 26 -20.37 8.77 -14.15
C ALA A 26 -21.73 7.86 -14.37
C ALA A 26 -21.15 8.84 -15.47
N ASN A 27 -21.85 7.76 -15.67
CA ASN A 27 -23.12 7.53 -16.36
C ASN A 27 -22.79 6.47 -17.40
N VAL A 28 -21.80 5.65 -17.07
CA VAL A 28 -21.33 4.54 -17.88
C VAL A 28 -21.90 3.28 -17.25
N PRO A 29 -22.41 2.34 -18.04
CA PRO A 29 -22.88 1.08 -17.48
C PRO A 29 -21.77 0.36 -16.73
N PRO A 30 -22.11 -0.39 -15.69
CA PRO A 30 -21.08 -1.07 -14.89
C PRO A 30 -20.07 -1.86 -15.71
N ALA A 31 -20.51 -2.55 -16.76
CA ALA A 31 -19.57 -3.39 -17.49
C ALA A 31 -18.58 -2.57 -18.31
N ASP A 32 -18.85 -1.28 -18.54
CA ASP A 32 -17.95 -0.44 -19.31
C ASP A 32 -17.12 0.50 -18.44
N LYS A 33 -17.34 0.52 -17.13
CA LYS A 33 -16.66 1.50 -16.29
C LYS A 33 -15.14 1.32 -16.31
N TYR A 34 -14.66 0.09 -16.15
CA TYR A 34 -13.21 -0.06 -16.04
C TYR A 34 -12.50 0.36 -17.32
N LYS A 35 -13.02 -0.05 -18.48
CA LYS A 35 -12.38 0.31 -19.75
C LYS A 35 -12.39 1.81 -19.97
N THR A 36 -13.50 2.47 -19.59
CA THR A 36 -13.60 3.93 -19.71
C THR A 36 -12.62 4.61 -18.79
N PHE A 37 -12.59 4.19 -17.52
CA PHE A 37 -11.66 4.77 -16.55
C PHE A 37 -10.22 4.60 -17.00
N GLU A 38 -9.88 3.39 -17.43
CA GLU A 38 -8.50 3.08 -17.77
C GLU A 38 -8.01 3.92 -18.95
N ALA A 39 -8.88 4.13 -19.94
CA ALA A 39 -8.50 4.97 -21.08
C ALA A 39 -8.28 6.41 -20.66
N ALA A 40 -9.11 6.92 -19.77
CA ALA A 40 -8.93 8.28 -19.31
C ALA A 40 -7.72 8.39 -18.39
N PHE A 41 -7.54 7.38 -17.53
CA PHE A 41 -6.46 7.39 -16.57
C PHE A 41 -5.10 7.35 -17.26
N THR A 42 -4.97 6.52 -18.30
N THR A 42 -4.99 6.51 -18.29
CA THR A 42 -3.63 6.33 -18.88
CA THR A 42 -3.68 6.33 -18.92
C THR A 42 -3.13 7.62 -19.55
C THR A 42 -3.15 7.64 -19.49
N VAL A 43 -4.01 8.41 -20.17
CA VAL A 43 -3.58 9.65 -20.80
C VAL A 43 -2.99 10.62 -19.78
N SER A 44 -3.74 10.90 -18.72
CA SER A 44 -3.26 11.91 -17.78
C SER A 44 -2.14 11.40 -16.89
N TYR A 45 -2.17 10.10 -16.52
CA TYR A 45 -1.11 9.55 -15.68
C TYR A 45 0.24 9.62 -16.40
N LYS A 46 0.26 9.26 -17.70
CA LYS A 46 1.52 9.30 -18.46
C LYS A 46 2.10 10.71 -18.50
N ARG A 47 1.24 11.73 -18.57
CA ARG A 47 1.77 13.09 -18.53
C ARG A 47 2.35 13.40 -17.16
N ASN A 48 1.67 12.98 -16.08
CA ASN A 48 2.17 13.23 -14.74
C ASN A 48 3.49 12.49 -14.50
N LEU A 49 3.59 11.25 -14.99
CA LEU A 49 4.79 10.47 -14.80
C LEU A 49 5.98 11.10 -15.51
N ALA A 50 5.75 11.65 -16.71
CA ALA A 50 6.86 12.31 -17.39
C ALA A 50 7.29 13.58 -16.67
N ASP A 51 6.36 14.30 -16.04
CA ASP A 51 6.77 15.41 -15.19
C ASP A 51 7.65 14.94 -14.03
N ALA A 52 7.30 13.79 -13.42
CA ALA A 52 8.13 13.25 -12.35
C ALA A 52 9.52 12.87 -12.85
N VAL A 53 9.59 12.21 -14.01
CA VAL A 53 10.90 11.89 -14.59
C VAL A 53 11.73 13.17 -14.70
N SER A 54 11.12 14.25 -15.15
CA SER A 54 11.84 15.51 -15.33
C SER A 54 12.23 16.15 -13.98
N LYS A 55 11.27 16.29 -13.07
CA LYS A 55 11.43 17.11 -11.87
C LYS A 55 11.78 16.35 -10.59
N ALA A 56 11.51 15.05 -10.51
CA ALA A 56 11.73 14.33 -9.27
C ALA A 56 11.89 12.85 -9.56
N PRO A 57 12.94 12.48 -10.29
CA PRO A 57 13.06 11.09 -10.74
C PRO A 57 13.14 10.08 -9.61
N GLN A 58 13.50 10.49 -8.39
CA GLN A 58 13.50 9.59 -7.25
C GLN A 58 12.09 9.11 -6.91
N LEU A 59 11.06 9.84 -7.32
CA LEU A 59 9.69 9.43 -7.05
C LEU A 59 9.20 8.36 -8.03
N VAL A 60 9.85 8.23 -9.18
CA VAL A 60 9.31 7.38 -10.25
C VAL A 60 9.12 5.94 -9.81
N PRO A 61 10.08 5.29 -9.14
CA PRO A 61 9.85 3.90 -8.72
C PRO A 61 8.69 3.74 -7.75
N LYS A 62 8.45 4.77 -6.93
CA LYS A 62 7.31 4.72 -6.02
C LYS A 62 5.99 4.84 -6.80
N LEU A 63 5.91 5.79 -7.75
CA LEU A 63 4.74 5.88 -8.59
C LEU A 63 4.53 4.60 -9.39
N ASP A 64 5.62 4.01 -9.94
CA ASP A 64 5.48 2.74 -10.65
C ASP A 64 4.81 1.67 -9.76
N GLU A 65 5.20 1.61 -8.47
CA GLU A 65 4.62 0.63 -7.57
C GLU A 65 3.13 0.88 -7.32
N VAL A 66 2.73 2.15 -7.17
CA VAL A 66 1.31 2.47 -6.99
C VAL A 66 0.51 2.00 -8.21
N TYR A 67 1.00 2.31 -9.40
N TYR A 67 1.00 2.36 -9.40
CA TYR A 67 0.29 1.89 -10.61
CA TYR A 67 0.45 1.94 -10.69
C TYR A 67 0.25 0.37 -10.70
C TYR A 67 0.31 0.43 -10.77
N ASN A 68 1.39 -0.29 -10.47
CA ASN A 68 1.40 -1.74 -10.54
C ASN A 68 0.43 -2.35 -9.53
N ALA A 69 0.43 -1.83 -8.31
CA ALA A 69 -0.49 -2.36 -7.31
C ALA A 69 -1.93 -2.33 -7.83
N ALA A 70 -2.32 -1.20 -8.40
CA ALA A 70 -3.67 -1.01 -8.88
C ALA A 70 -3.98 -1.84 -10.14
N TYR A 71 -3.09 -1.78 -11.14
CA TYR A 71 -3.30 -2.51 -12.38
CA TYR A 71 -3.30 -2.51 -12.38
C TYR A 71 -3.34 -4.01 -12.10
N ASN A 72 -2.48 -4.49 -11.20
CA ASN A 72 -2.45 -5.92 -10.96
C ASN A 72 -3.67 -6.38 -10.17
N ALA A 73 -4.15 -5.57 -9.21
CA ALA A 73 -5.37 -5.95 -8.51
C ALA A 73 -6.55 -6.04 -9.47
N ALA A 74 -6.64 -5.07 -10.40
CA ALA A 74 -7.70 -5.10 -11.39
C ALA A 74 -7.53 -6.27 -12.35
N ASP A 75 -6.28 -6.59 -12.72
CA ASP A 75 -6.02 -7.68 -13.66
C ASP A 75 -6.58 -9.00 -13.15
N HIS A 76 -6.43 -9.28 -11.85
CA HIS A 76 -6.88 -10.54 -11.27
C HIS A 76 -8.35 -10.52 -10.83
N ALA A 77 -8.98 -9.36 -10.75
CA ALA A 77 -10.38 -9.27 -10.36
C ALA A 77 -11.31 -9.76 -11.47
N ALA A 78 -12.45 -10.33 -11.07
CA ALA A 78 -13.51 -10.62 -12.03
C ALA A 78 -13.98 -9.32 -12.67
N PRO A 79 -14.46 -9.39 -13.92
CA PRO A 79 -14.81 -8.16 -14.65
C PRO A 79 -15.65 -7.18 -13.86
N GLU A 80 -16.67 -7.68 -13.14
CA GLU A 80 -17.56 -6.79 -12.38
C GLU A 80 -16.87 -6.11 -11.21
N ASP A 81 -15.66 -6.54 -10.86
CA ASP A 81 -14.93 -6.04 -9.68
C ASP A 81 -13.70 -5.23 -10.05
N LYS A 82 -13.35 -5.16 -11.34
CA LYS A 82 -12.07 -4.58 -11.73
C LYS A 82 -11.98 -3.10 -11.40
N TYR A 83 -13.05 -2.33 -11.64
CA TYR A 83 -12.94 -0.89 -11.44
C TYR A 83 -12.72 -0.58 -9.96
N GLU A 84 -13.52 -1.17 -9.09
CA GLU A 84 -13.31 -0.89 -7.66
C GLU A 84 -11.98 -1.45 -7.16
N ALA A 85 -11.50 -2.57 -7.72
CA ALA A 85 -10.20 -3.08 -7.32
C ALA A 85 -9.08 -2.10 -7.68
N PHE A 86 -9.14 -1.52 -8.88
CA PHE A 86 -8.14 -0.52 -9.22
C PHE A 86 -8.18 0.68 -8.26
N VAL A 87 -9.37 1.27 -8.11
CA VAL A 87 -9.54 2.49 -7.33
C VAL A 87 -9.10 2.28 -5.89
N LEU A 88 -9.47 1.15 -5.30
CA LEU A 88 -9.09 0.89 -3.91
C LEU A 88 -7.58 0.82 -3.77
N HIS A 89 -6.91 0.06 -4.62
CA HIS A 89 -5.48 -0.13 -4.39
C HIS A 89 -4.66 1.06 -4.84
N PHE A 90 -5.12 1.78 -5.87
CA PHE A 90 -4.42 3.00 -6.27
C PHE A 90 -4.45 4.04 -5.15
N SER A 91 -5.62 4.29 -4.61
CA SER A 91 -5.74 5.31 -3.57
C SER A 91 -4.99 4.93 -2.31
N GLU A 92 -5.04 3.65 -1.89
CA GLU A 92 -4.32 3.23 -0.69
C GLU A 92 -2.80 3.26 -0.92
N ALA A 93 -2.34 2.76 -2.06
CA ALA A 93 -0.90 2.75 -2.30
C ALA A 93 -0.34 4.17 -2.43
N LEU A 94 -1.12 5.10 -3.00
CA LEU A 94 -0.64 6.47 -3.08
C LEU A 94 -0.49 7.09 -1.70
N ARG A 95 -1.42 6.78 -0.79
N ARG A 95 -1.40 6.77 -0.78
CA ARG A 95 -1.28 7.23 0.60
CA ARG A 95 -1.24 7.27 0.59
C ARG A 95 -0.02 6.64 1.22
C ARG A 95 -0.05 6.62 1.28
N ILE A 96 0.25 5.36 0.96
CA ILE A 96 1.41 4.71 1.56
C ILE A 96 2.70 5.41 1.10
N ILE A 97 2.86 5.61 -0.21
N ILE A 97 2.86 5.61 -0.21
CA ILE A 97 4.12 6.23 -0.66
CA ILE A 97 4.12 6.23 -0.66
C ILE A 97 4.19 7.69 -0.22
C ILE A 97 4.19 7.69 -0.25
N ALA A 98 3.06 8.33 0.04
CA ALA A 98 3.04 9.72 0.52
C ALA A 98 3.32 9.82 2.02
N GLY A 99 3.34 8.70 2.72
CA GLY A 99 3.51 8.66 4.17
C GLY A 99 2.31 9.11 4.95
N THR A 100 1.12 8.91 4.40
CA THR A 100 -0.14 9.25 5.08
C THR A 100 -0.57 8.09 5.98
N PRO A 101 -0.63 8.27 7.31
CA PRO A 101 -0.86 7.11 8.18
C PRO A 101 -2.24 6.50 8.08
N GLU A 102 -3.27 7.29 7.75
CA GLU A 102 -4.62 6.73 7.57
C GLU A 102 -4.74 6.27 6.12
N VAL A 103 -4.49 4.99 5.90
CA VAL A 103 -4.43 4.43 4.55
C VAL A 103 -5.80 3.95 4.10
N HIS A 104 -6.47 3.12 4.90
CA HIS A 104 -7.86 2.79 4.62
C HIS A 104 -8.73 4.03 4.85
N ALA A 105 -9.60 4.34 3.88
CA ALA A 105 -10.44 5.53 3.93
C ALA A 105 -11.27 5.58 5.20
N VAL A 106 -11.30 6.75 5.83
CA VAL A 106 -12.12 6.96 7.02
C VAL A 106 -13.34 7.76 6.58
N LYS A 107 -14.52 7.22 6.86
CA LYS A 107 -15.76 7.88 6.45
C LYS A 107 -15.95 9.19 7.21
N PRO A 108 -16.44 10.26 6.54
CA PRO A 108 -16.61 11.53 7.26
C PRO A 108 -17.84 11.58 8.19
N GLY B 1 25.24 -9.26 -10.24
CA GLY B 1 24.31 -8.59 -9.37
C GLY B 1 24.94 -8.13 -8.07
N LYS B 2 24.32 -7.11 -7.46
CA LYS B 2 24.79 -6.51 -6.22
C LYS B 2 24.41 -7.37 -5.03
N ALA B 3 25.12 -7.18 -3.93
CA ALA B 3 24.78 -7.88 -2.71
C ALA B 3 23.43 -7.42 -2.17
N THR B 4 22.77 -8.29 -1.42
CA THR B 4 21.54 -7.94 -0.73
C THR B 4 21.78 -6.81 0.25
N THR B 5 20.86 -5.87 0.32
CA THR B 5 21.04 -4.70 1.17
C THR B 5 20.54 -5.02 2.58
N GLU B 6 21.00 -4.23 3.55
N GLU B 6 21.00 -4.22 3.54
CA GLU B 6 20.50 -4.42 4.91
CA GLU B 6 20.51 -4.38 4.91
C GLU B 6 19.01 -4.14 4.98
C GLU B 6 19.01 -4.13 4.97
N GLU B 7 18.51 -3.19 4.16
CA GLU B 7 17.08 -2.91 4.12
C GLU B 7 16.29 -4.13 3.67
N GLN B 8 16.76 -4.80 2.60
CA GLN B 8 16.07 -6.00 2.14
C GLN B 8 16.00 -7.05 3.23
N LYS B 9 17.11 -7.27 3.95
N LYS B 9 17.12 -7.26 3.95
CA LYS B 9 17.12 -8.28 5.00
CA LYS B 9 17.15 -8.26 5.01
C LYS B 9 16.11 -7.94 6.08
C LYS B 9 16.14 -7.94 6.09
N LEU B 10 16.05 -6.66 6.49
CA LEU B 10 15.14 -6.28 7.56
C LEU B 10 13.68 -6.41 7.12
N ILE B 11 13.37 -6.07 5.88
CA ILE B 11 12.01 -6.30 5.39
C ILE B 11 11.65 -7.78 5.46
N GLU B 12 12.59 -8.66 5.08
CA GLU B 12 12.39 -10.09 5.23
C GLU B 12 12.16 -10.47 6.69
N ASP B 13 12.96 -9.89 7.61
CA ASP B 13 12.80 -10.16 9.03
C ASP B 13 11.40 -9.76 9.52
N VAL B 14 10.93 -8.58 9.11
CA VAL B 14 9.60 -8.13 9.51
C VAL B 14 8.52 -9.07 8.98
N ASN B 15 8.62 -9.48 7.73
CA ASN B 15 7.64 -10.41 7.20
C ASN B 15 7.65 -11.73 7.98
N ALA B 16 8.84 -12.21 8.35
CA ALA B 16 8.93 -13.44 9.13
C ALA B 16 8.23 -13.30 10.48
N SER B 17 8.48 -12.18 11.19
CA SER B 17 7.79 -11.94 12.46
C SER B 17 6.28 -11.88 12.27
N PHE B 18 5.85 -11.17 11.23
CA PHE B 18 4.43 -11.00 10.95
C PHE B 18 3.75 -12.34 10.69
N ARG B 19 4.35 -13.16 9.85
CA ARG B 19 3.76 -14.47 9.53
C ARG B 19 3.78 -15.39 10.75
N ALA B 20 4.86 -15.38 11.51
CA ALA B 20 4.87 -16.16 12.75
C ALA B 20 3.73 -15.73 13.68
N ALA B 21 3.48 -14.42 13.78
CA ALA B 21 2.44 -13.98 14.71
C ALA B 21 1.06 -14.39 14.21
N MET B 22 0.86 -14.37 12.89
N MET B 22 0.85 -14.41 12.89
CA MET B 22 -0.39 -14.84 12.33
CA MET B 22 -0.44 -14.84 12.38
C MET B 22 -0.62 -16.31 12.69
C MET B 22 -0.64 -16.34 12.58
N ALA B 23 0.44 -17.11 12.57
CA ALA B 23 0.30 -18.56 12.78
C ALA B 23 -0.21 -18.88 14.17
N THR B 24 0.15 -18.03 15.12
CA THR B 24 -0.34 -18.11 16.49
C THR B 24 -1.86 -18.15 16.60
N THR B 25 -2.60 -17.68 15.60
CA THR B 25 -4.04 -17.56 15.70
C THR B 25 -4.79 -18.74 15.10
N ALA B 26 -4.07 -19.70 14.52
CA ALA B 26 -4.69 -20.74 13.70
C ALA B 26 -5.85 -21.45 14.39
N ASN B 27 -5.71 -21.74 15.69
CA ASN B 27 -6.72 -22.51 16.42
C ASN B 27 -7.60 -21.64 17.31
N VAL B 28 -7.52 -20.32 17.20
CA VAL B 28 -8.26 -19.44 18.09
C VAL B 28 -9.61 -19.10 17.49
N PRO B 29 -10.68 -19.04 18.29
CA PRO B 29 -11.97 -18.61 17.75
C PRO B 29 -11.85 -17.23 17.14
N PRO B 30 -12.60 -16.97 16.08
CA PRO B 30 -12.50 -15.66 15.43
C PRO B 30 -12.47 -14.48 16.38
N ALA B 31 -13.30 -14.47 17.43
CA ALA B 31 -13.41 -13.28 18.25
C ALA B 31 -12.14 -13.02 19.09
N ASP B 32 -11.22 -13.97 19.13
CA ASP B 32 -10.00 -13.84 19.90
C ASP B 32 -8.72 -13.76 19.08
N LYS B 33 -8.79 -13.78 17.74
CA LYS B 33 -7.53 -13.84 16.99
C LYS B 33 -6.74 -12.53 17.09
N TYR B 34 -7.43 -11.39 17.18
CA TYR B 34 -6.73 -10.12 17.20
C TYR B 34 -5.92 -9.95 18.48
N LYS B 35 -6.58 -10.06 19.64
CA LYS B 35 -5.84 -9.95 20.90
C LYS B 35 -4.65 -10.90 20.90
N THR B 36 -4.85 -12.09 20.33
CA THR B 36 -3.79 -13.09 20.29
C THR B 36 -2.65 -12.69 19.35
N PHE B 37 -2.98 -12.26 18.14
CA PHE B 37 -1.94 -11.84 17.19
C PHE B 37 -1.12 -10.68 17.75
N GLU B 38 -1.80 -9.70 18.32
CA GLU B 38 -1.15 -8.50 18.86
C GLU B 38 -0.10 -8.86 19.89
N ALA B 39 -0.42 -9.79 20.79
CA ALA B 39 0.55 -10.17 21.82
C ALA B 39 1.83 -10.70 21.18
N ALA B 40 1.69 -11.59 20.18
CA ALA B 40 2.86 -12.17 19.54
C ALA B 40 3.62 -11.13 18.72
N PHE B 41 2.91 -10.27 18.01
CA PHE B 41 3.60 -9.45 17.03
C PHE B 41 4.33 -8.27 17.65
N THR B 42 3.79 -7.72 18.72
CA THR B 42 4.35 -6.51 19.29
C THR B 42 5.79 -6.69 19.71
N VAL B 43 6.09 -7.79 20.40
CA VAL B 43 7.46 -7.97 20.89
C VAL B 43 8.43 -8.20 19.72
N SER B 44 8.04 -9.01 18.73
CA SER B 44 8.95 -9.29 17.62
C SER B 44 9.10 -8.09 16.70
N TYR B 45 8.00 -7.39 16.42
CA TYR B 45 8.09 -6.19 15.59
C TYR B 45 8.98 -5.11 16.23
N LYS B 46 8.86 -4.90 17.54
CA LYS B 46 9.70 -3.92 18.22
C LYS B 46 11.17 -4.26 18.04
N ARG B 47 11.48 -5.56 18.06
N ARG B 47 11.49 -5.55 18.07
CA ARG B 47 12.86 -6.01 17.87
CA ARG B 47 12.87 -6.00 17.87
C ARG B 47 13.34 -5.69 16.46
C ARG B 47 13.34 -5.69 16.46
N ASN B 48 12.49 -5.95 15.45
CA ASN B 48 12.87 -5.64 14.07
C ASN B 48 13.04 -4.13 13.88
N LEU B 49 12.14 -3.34 14.48
CA LEU B 49 12.28 -1.89 14.36
C LEU B 49 13.57 -1.38 15.01
N ALA B 50 13.92 -1.92 16.19
CA ALA B 50 15.15 -1.53 16.82
C ALA B 50 16.35 -1.91 15.96
N ASP B 51 16.29 -3.06 15.28
CA ASP B 51 17.38 -3.42 14.36
C ASP B 51 17.45 -2.45 13.17
N ALA B 52 16.30 -2.00 12.65
CA ALA B 52 16.31 -0.98 11.60
C ALA B 52 16.92 0.34 12.12
N VAL B 53 16.54 0.73 13.34
CA VAL B 53 17.12 1.93 13.93
C VAL B 53 18.63 1.86 13.91
N SER B 54 19.18 0.69 14.26
CA SER B 54 20.62 0.52 14.38
C SER B 54 21.31 0.38 13.02
N LYS B 55 20.71 -0.38 12.07
CA LYS B 55 21.40 -0.78 10.85
C LYS B 55 20.86 -0.16 9.58
N ALA B 56 19.64 0.40 9.58
CA ALA B 56 19.10 0.99 8.36
C ALA B 56 18.05 2.03 8.75
N PRO B 57 18.47 3.14 9.33
CA PRO B 57 17.47 4.08 9.90
C PRO B 57 16.55 4.67 8.83
N GLN B 58 16.99 4.76 7.57
CA GLN B 58 16.13 5.26 6.51
C GLN B 58 14.95 4.34 6.21
N LEU B 59 14.97 3.11 6.71
CA LEU B 59 13.83 2.22 6.57
C LEU B 59 12.76 2.48 7.61
N VAL B 60 13.11 3.12 8.74
CA VAL B 60 12.12 3.33 9.80
C VAL B 60 10.87 4.07 9.34
N PRO B 61 10.95 5.18 8.60
CA PRO B 61 9.72 5.84 8.14
C PRO B 61 8.83 4.93 7.31
N LYS B 62 9.44 4.04 6.52
N LYS B 62 9.44 4.05 6.51
CA LYS B 62 8.65 3.11 5.72
CA LYS B 62 8.67 3.10 5.72
C LYS B 62 7.95 2.07 6.59
C LYS B 62 7.95 2.10 6.62
N LEU B 63 8.68 1.50 7.56
CA LEU B 63 8.07 0.55 8.48
C LEU B 63 6.98 1.23 9.29
N ASP B 64 7.23 2.48 9.75
CA ASP B 64 6.23 3.21 10.50
C ASP B 64 4.94 3.33 9.69
N GLU B 65 5.06 3.60 8.38
CA GLU B 65 3.89 3.74 7.52
C GLU B 65 3.15 2.40 7.35
N VAL B 66 3.88 1.30 7.23
CA VAL B 66 3.26 -0.03 7.15
C VAL B 66 2.47 -0.33 8.43
N TYR B 67 3.11 -0.12 9.58
CA TYR B 67 2.43 -0.38 10.85
C TYR B 67 1.22 0.53 11.04
N ASN B 68 1.38 1.81 10.68
CA ASN B 68 0.29 2.76 10.81
C ASN B 68 -0.90 2.36 9.95
N ALA B 69 -0.64 1.94 8.71
CA ALA B 69 -1.72 1.46 7.84
C ALA B 69 -2.54 0.39 8.52
N ALA B 70 -1.85 -0.60 9.09
CA ALA B 70 -2.53 -1.70 9.73
C ALA B 70 -3.20 -1.28 11.03
N TYR B 71 -2.50 -0.53 11.87
CA TYR B 71 -3.05 -0.10 13.16
C TYR B 71 -4.29 0.76 12.97
N ASN B 72 -4.23 1.72 12.03
CA ASN B 72 -5.38 2.59 11.83
C ASN B 72 -6.55 1.82 11.19
N ALA B 73 -6.27 0.87 10.30
CA ALA B 73 -7.37 0.09 9.76
C ALA B 73 -8.04 -0.73 10.84
N ALA B 74 -7.25 -1.33 11.72
CA ALA B 74 -7.86 -2.04 12.85
C ALA B 74 -8.55 -1.08 13.80
N ASP B 75 -7.94 0.08 14.08
CA ASP B 75 -8.53 1.05 15.01
C ASP B 75 -9.96 1.39 14.62
N HIS B 76 -10.25 1.52 13.31
CA HIS B 76 -11.58 1.92 12.85
C HIS B 76 -12.48 0.71 12.59
N ALA B 77 -11.99 -0.50 12.81
CA ALA B 77 -12.78 -1.71 12.59
C ALA B 77 -13.43 -2.19 13.90
N ALA B 78 -14.59 -2.84 13.74
CA ALA B 78 -15.24 -3.51 14.87
C ALA B 78 -14.32 -4.60 15.44
N PRO B 79 -14.39 -4.85 16.75
CA PRO B 79 -13.47 -5.83 17.34
C PRO B 79 -13.38 -7.14 16.59
N GLU B 80 -14.51 -7.62 16.06
CA GLU B 80 -14.50 -8.90 15.36
C GLU B 80 -13.84 -8.81 13.99
N ASP B 81 -13.55 -7.61 13.49
CA ASP B 81 -12.92 -7.43 12.19
C ASP B 81 -11.51 -6.89 12.28
N LYS B 82 -11.00 -6.68 13.50
CA LYS B 82 -9.71 -6.02 13.68
C LYS B 82 -8.56 -6.89 13.15
N TYR B 83 -8.60 -8.19 13.42
CA TYR B 83 -7.54 -9.06 12.96
C TYR B 83 -7.39 -9.00 11.45
N GLU B 84 -8.47 -9.24 10.71
CA GLU B 84 -8.35 -9.27 9.26
C GLU B 84 -8.01 -7.89 8.68
N ALA B 85 -8.49 -6.81 9.31
CA ALA B 85 -8.15 -5.49 8.80
C ALA B 85 -6.67 -5.19 9.00
N PHE B 86 -6.11 -5.63 10.13
CA PHE B 86 -4.70 -5.41 10.40
C PHE B 86 -3.84 -6.20 9.41
N VAL B 87 -4.11 -7.49 9.25
CA VAL B 87 -3.20 -8.31 8.46
C VAL B 87 -3.33 -7.98 6.98
N LEU B 88 -4.53 -7.62 6.50
CA LEU B 88 -4.69 -7.19 5.10
C LEU B 88 -3.82 -5.98 4.80
N HIS B 89 -3.92 -4.96 5.64
CA HIS B 89 -3.22 -3.72 5.33
C HIS B 89 -1.71 -3.83 5.62
N PHE B 90 -1.31 -4.55 6.66
CA PHE B 90 0.12 -4.74 6.90
C PHE B 90 0.76 -5.47 5.72
N SER B 91 0.13 -6.56 5.27
CA SER B 91 0.72 -7.37 4.22
C SER B 91 0.81 -6.58 2.92
N GLU B 92 -0.22 -5.80 2.59
CA GLU B 92 -0.19 -5.06 1.32
C GLU B 92 0.80 -3.91 1.41
N ALA B 93 0.83 -3.20 2.55
CA ALA B 93 1.74 -2.07 2.63
C ALA B 93 3.20 -2.52 2.67
N LEU B 94 3.49 -3.67 3.28
CA LEU B 94 4.86 -4.18 3.28
C LEU B 94 5.31 -4.51 1.86
N ARG B 95 4.42 -5.07 1.03
CA ARG B 95 4.76 -5.26 -0.38
C ARG B 95 5.02 -3.95 -1.10
N ILE B 96 4.22 -2.92 -0.80
CA ILE B 96 4.40 -1.65 -1.48
C ILE B 96 5.77 -1.03 -1.14
N ILE B 97 6.15 -1.01 0.14
N ILE B 97 6.14 -0.99 0.14
CA ILE B 97 7.44 -0.38 0.46
CA ILE B 97 7.43 -0.37 0.44
C ILE B 97 8.60 -1.23 -0.04
C ILE B 97 8.60 -1.23 -0.05
N ALA B 98 8.37 -2.53 -0.28
CA ALA B 98 9.39 -3.42 -0.83
C ALA B 98 9.46 -3.34 -2.35
N GLY B 99 8.55 -2.63 -2.99
CA GLY B 99 8.51 -2.55 -4.43
C GLY B 99 8.06 -3.83 -5.10
N THR B 100 7.22 -4.61 -4.42
CA THR B 100 6.68 -5.85 -4.97
C THR B 100 5.42 -5.54 -5.75
N PRO B 101 5.38 -5.79 -7.06
CA PRO B 101 4.26 -5.24 -7.85
C PRO B 101 2.92 -5.94 -7.66
N GLU B 102 2.89 -7.22 -7.28
CA GLU B 102 1.65 -7.91 -6.97
C GLU B 102 1.36 -7.68 -5.49
N VAL B 103 0.49 -6.71 -5.22
CA VAL B 103 0.21 -6.25 -3.87
C VAL B 103 -0.98 -6.98 -3.28
N HIS B 104 -2.07 -7.00 -4.01
CA HIS B 104 -3.23 -7.80 -3.60
C HIS B 104 -2.91 -9.27 -3.80
N ALA B 105 -3.14 -10.06 -2.76
CA ALA B 105 -2.98 -11.51 -2.89
C ALA B 105 -4.31 -12.19 -3.19
N VAL B 106 -4.26 -13.25 -3.99
CA VAL B 106 -5.47 -14.02 -4.31
C VAL B 106 -6.07 -14.58 -3.03
N LYS B 107 -7.39 -14.40 -2.89
CA LYS B 107 -8.12 -14.88 -1.72
C LYS B 107 -9.16 -15.91 -2.12
ZN ZN C . -8.22 -0.75 3.01
ZN ZN D . -0.74 -10.72 -11.83
ZN ZN E . -8.26 7.15 12.60
ZN ZN F . -6.08 -5.83 -1.77
#